data_1C3E
#
_entry.id   1C3E
#
_cell.length_a   40.250
_cell.length_b   112.790
_cell.length_c   46.960
_cell.angle_alpha   90.00
_cell.angle_beta   101.50
_cell.angle_gamma   90.00
#
_symmetry.space_group_name_H-M   'P 1 21 1'
#
loop_
_entity.id
_entity.type
_entity.pdbx_description
1 polymer 'GLYCINAMIDE RIBONUCLEOTIDE TRANSFORMYLASE'
2 non-polymer '2-{4-[2-(2-AMINO-4-HYDROXY-QUINAZOLIN-6-YL)-1-CARBOXY-ETHYL]-BENZOYLAMINO}-PENTANEDIOIC ACID'
3 non-polymer 'GLYCINAMIDE RIBONUCLEOTIDE'
4 water water
#
_entity_poly.entity_id   1
_entity_poly.type   'polypeptide(L)'
_entity_poly.pdbx_seq_one_letter_code
;MNIVVLISGNGSNLQAIIDACKTNKIKGTVRAVFSNKADAFGLERARQAGIATHTLIASAFDSREAYDRELIHEIDMYAP
DVVVLAGFMRILSPAFVSHYAGRLLNIHPSLLPKYPGLHTHRQALENGDEEHGTSVHFVTDELDGGPVILQAKVPVFAGD
SEDDITARVQTQEHAIYPLVISWFADGRLKMHENAAWLDGQRLPPQGYA
;
_entity_poly.pdbx_strand_id   A,B
#
# COMPACT_ATOMS: atom_id res chain seq x y z
N MET A 1 2.77 1.77 30.45
CA MET A 1 2.47 2.25 29.07
C MET A 1 1.48 3.41 29.21
N ASN A 2 1.95 4.61 28.89
CA ASN A 2 1.15 5.83 28.99
C ASN A 2 0.48 6.26 27.69
N ILE A 3 -0.85 6.41 27.73
CA ILE A 3 -1.63 6.83 26.57
C ILE A 3 -2.25 8.22 26.76
N VAL A 4 -2.17 9.06 25.74
CA VAL A 4 -2.77 10.39 25.80
C VAL A 4 -3.74 10.46 24.62
N VAL A 5 -5.00 10.70 24.94
CA VAL A 5 -6.03 10.75 23.91
C VAL A 5 -6.45 12.18 23.56
N LEU A 6 -6.63 12.43 22.27
CA LEU A 6 -7.07 13.74 21.83
C LEU A 6 -8.49 13.61 21.26
N ILE A 7 -9.38 14.50 21.67
CA ILE A 7 -10.76 14.44 21.21
C ILE A 7 -11.33 15.80 20.84
N SER A 8 -12.57 15.79 20.35
CA SER A 8 -13.30 17.00 19.99
C SER A 8 -14.78 16.87 20.34
N GLY A 9 -15.27 15.64 20.48
CA GLY A 9 -16.68 15.47 20.78
C GLY A 9 -17.12 14.55 21.91
N ASN A 10 -18.07 13.68 21.58
CA ASN A 10 -18.64 12.76 22.55
C ASN A 10 -17.69 11.76 23.18
N GLY A 11 -16.67 11.34 22.43
CA GLY A 11 -15.70 10.40 22.95
C GLY A 11 -16.13 8.96 23.20
N SER A 12 -16.90 8.36 22.31
CA SER A 12 -17.31 6.97 22.54
C SER A 12 -16.10 6.07 22.38
N ASN A 13 -15.24 6.40 21.42
CA ASN A 13 -14.01 5.62 21.23
C ASN A 13 -13.09 5.79 22.45
N LEU A 14 -13.08 6.98 23.03
CA LEU A 14 -12.26 7.22 24.22
C LEU A 14 -12.70 6.25 25.30
N GLN A 15 -14.01 6.16 25.48
CA GLN A 15 -14.59 5.29 26.48
C GLN A 15 -14.19 3.83 26.25
N ALA A 16 -14.25 3.38 25.00
CA ALA A 16 -13.87 2.01 24.68
C ALA A 16 -12.41 1.77 25.08
N ILE A 17 -11.58 2.77 24.83
CA ILE A 17 -10.17 2.67 25.18
C ILE A 17 -10.04 2.61 26.70
N ILE A 18 -10.70 3.52 27.40
CA ILE A 18 -10.66 3.54 28.84
C ILE A 18 -11.08 2.17 29.42
N ASP A 19 -12.19 1.62 28.92
CA ASP A 19 -12.67 0.33 29.40
C ASP A 19 -11.67 -0.80 29.15
N ALA A 20 -10.98 -0.74 28.01
CA ALA A 20 -10.00 -1.77 27.67
C ALA A 20 -8.78 -1.76 28.61
N CYS A 21 -8.38 -0.58 29.07
CA CYS A 21 -7.26 -0.46 29.99
C CYS A 21 -7.70 -1.03 31.35
N LYS A 22 -8.94 -0.74 31.71
CA LYS A 22 -9.55 -1.20 32.96
C LYS A 22 -9.52 -2.73 33.02
N THR A 23 -9.90 -3.38 31.92
CA THR A 23 -9.92 -4.85 31.84
C THR A 23 -8.52 -5.41 31.56
N ASN A 24 -7.60 -4.51 31.27
CA ASN A 24 -6.21 -4.85 30.97
C ASN A 24 -6.04 -5.43 29.58
N LYS A 25 -7.08 -5.36 28.74
CA LYS A 25 -6.97 -5.86 27.36
C LYS A 25 -5.81 -5.03 26.81
N ILE A 26 -5.79 -3.76 27.20
CA ILE A 26 -4.71 -2.87 26.85
C ILE A 26 -3.89 -2.81 28.13
N LYS A 27 -2.63 -3.20 28.08
CA LYS A 27 -1.80 -3.18 29.29
C LYS A 27 -1.16 -1.81 29.44
N GLY A 28 -2.02 -0.84 29.69
CA GLY A 28 -1.60 0.54 29.85
C GLY A 28 -2.71 1.36 30.44
N THR A 29 -2.48 2.67 30.51
CA THR A 29 -3.45 3.58 31.09
C THR A 29 -3.58 4.87 30.29
N VAL A 30 -4.79 5.40 30.24
CA VAL A 30 -5.01 6.70 29.60
C VAL A 30 -4.61 7.72 30.68
N ARG A 31 -3.45 8.33 30.49
CA ARG A 31 -2.92 9.31 31.43
C ARG A 31 -3.60 10.67 31.32
N ALA A 32 -4.10 11.00 30.14
CA ALA A 32 -4.75 12.30 29.95
C ALA A 32 -5.55 12.39 28.66
N VAL A 33 -6.49 13.33 28.65
CA VAL A 33 -7.35 13.55 27.51
C VAL A 33 -7.31 15.04 27.18
N PHE A 34 -7.00 15.34 25.92
CA PHE A 34 -6.97 16.72 25.43
C PHE A 34 -8.10 16.96 24.45
N SER A 35 -8.63 18.17 24.46
CA SER A 35 -9.72 18.52 23.56
C SER A 35 -9.54 19.95 23.08
N ASN A 36 -10.01 20.21 21.87
CA ASN A 36 -9.91 21.55 21.29
C ASN A 36 -11.26 22.23 21.42
N LYS A 37 -12.20 21.53 22.04
CA LYS A 37 -13.54 22.06 22.29
C LYS A 37 -13.85 21.94 23.78
N ALA A 38 -14.14 23.06 24.43
CA ALA A 38 -14.44 23.05 25.86
C ALA A 38 -15.64 22.19 26.21
N ASP A 39 -16.58 22.04 25.28
CA ASP A 39 -17.80 21.29 25.52
C ASP A 39 -17.72 19.77 25.42
N ALA A 40 -16.75 19.27 24.65
CA ALA A 40 -16.61 17.83 24.45
C ALA A 40 -16.96 17.00 25.69
N PHE A 41 -17.97 16.16 25.55
CA PHE A 41 -18.42 15.28 26.62
C PHE A 41 -17.34 14.28 27.00
N GLY A 42 -16.41 14.01 26.08
CA GLY A 42 -15.35 13.08 26.36
C GLY A 42 -14.56 13.50 27.60
N LEU A 43 -14.42 14.81 27.76
CA LEU A 43 -13.71 15.36 28.90
C LEU A 43 -14.39 14.89 30.19
N GLU A 44 -15.71 14.88 30.19
CA GLU A 44 -16.47 14.41 31.35
C GLU A 44 -16.34 12.92 31.55
N ARG A 45 -16.08 12.20 30.47
CA ARG A 45 -15.92 10.76 30.57
C ARG A 45 -14.62 10.54 31.34
N ALA A 46 -13.58 11.25 30.94
CA ALA A 46 -12.27 11.14 31.58
C ALA A 46 -12.31 11.64 33.01
N ARG A 47 -13.01 12.75 33.20
CA ARG A 47 -13.16 13.36 34.51
C ARG A 47 -13.69 12.32 35.48
N GLN A 48 -14.79 11.66 35.10
CA GLN A 48 -15.43 10.64 35.92
C GLN A 48 -14.58 9.43 36.16
N ALA A 49 -13.57 9.26 35.32
CA ALA A 49 -12.69 8.11 35.46
C ALA A 49 -11.43 8.47 36.23
N GLY A 50 -11.39 9.68 36.78
CA GLY A 50 -10.24 10.09 37.55
C GLY A 50 -9.02 10.36 36.68
N ILE A 51 -9.28 10.67 35.41
CA ILE A 51 -8.22 10.97 34.45
C ILE A 51 -8.14 12.47 34.25
N ALA A 52 -6.93 12.98 34.09
CA ALA A 52 -6.70 14.42 33.89
C ALA A 52 -7.22 14.90 32.55
N THR A 53 -7.65 16.17 32.49
CA THR A 53 -8.18 16.75 31.26
C THR A 53 -7.57 18.10 30.99
N HIS A 54 -7.58 18.50 29.73
CA HIS A 54 -7.02 19.78 29.29
C HIS A 54 -7.75 20.24 28.05
N THR A 55 -7.84 21.54 27.87
CA THR A 55 -8.52 22.11 26.72
C THR A 55 -7.64 23.20 26.13
N LEU A 56 -7.48 23.17 24.81
CA LEU A 56 -6.71 24.17 24.09
C LEU A 56 -7.58 24.72 22.96
N ILE A 57 -8.00 25.96 23.15
CA ILE A 57 -8.84 26.69 22.20
C ILE A 57 -7.98 27.35 21.13
N ALA A 58 -8.34 27.13 19.88
CA ALA A 58 -7.60 27.68 18.75
C ALA A 58 -7.55 29.20 18.76
N SER A 59 -8.61 29.84 19.25
CA SER A 59 -8.67 31.31 19.31
C SER A 59 -7.58 31.88 20.22
N ALA A 60 -7.25 31.19 21.31
CA ALA A 60 -6.22 31.65 22.21
C ALA A 60 -4.78 31.65 21.63
N PHE A 61 -4.62 31.23 20.38
CA PHE A 61 -3.32 31.17 19.70
C PHE A 61 -3.38 31.93 18.38
N ASP A 62 -2.25 32.48 17.96
CA ASP A 62 -2.22 33.26 16.74
C ASP A 62 -1.67 32.54 15.51
N SER A 63 -1.47 31.22 15.60
CA SER A 63 -1.00 30.45 14.45
C SER A 63 -1.12 28.98 14.79
N ARG A 64 -1.23 28.12 13.77
CA ARG A 64 -1.36 26.69 14.03
C ARG A 64 -0.09 26.18 14.72
N GLU A 65 1.07 26.66 14.27
CA GLU A 65 2.34 26.26 14.85
C GLU A 65 2.38 26.55 16.36
N ALA A 66 1.93 27.74 16.75
CA ALA A 66 1.94 28.13 18.16
C ALA A 66 1.03 27.21 18.95
N TYR A 67 -0.10 26.87 18.35
CA TYR A 67 -1.07 26.01 19.01
C TYR A 67 -0.50 24.61 19.27
N ASP A 68 0.00 23.94 18.23
CA ASP A 68 0.53 22.60 18.42
C ASP A 68 1.71 22.59 19.36
N ARG A 69 2.48 23.66 19.31
CA ARG A 69 3.62 23.77 20.16
C ARG A 69 3.20 23.62 21.62
N GLU A 70 2.21 24.42 22.01
CA GLU A 70 1.68 24.38 23.37
C GLU A 70 1.05 23.01 23.61
N LEU A 71 0.51 22.41 22.55
CA LEU A 71 -0.11 21.09 22.67
C LEU A 71 0.98 20.07 22.99
N ILE A 72 2.07 20.10 22.25
CA ILE A 72 3.20 19.20 22.49
C ILE A 72 3.71 19.39 23.92
N HIS A 73 3.93 20.65 24.28
CA HIS A 73 4.41 20.99 25.62
C HIS A 73 3.51 20.39 26.69
N GLU A 74 2.19 20.51 26.50
CA GLU A 74 1.28 19.95 27.49
C GLU A 74 1.26 18.41 27.43
N ILE A 75 0.98 17.85 26.26
CA ILE A 75 0.91 16.39 26.13
C ILE A 75 2.11 15.71 26.78
N ASP A 76 3.31 16.25 26.56
CA ASP A 76 4.53 15.68 27.11
C ASP A 76 4.70 15.63 28.63
N MET A 77 3.90 16.40 29.37
CA MET A 77 3.96 16.39 30.82
C MET A 77 3.62 14.99 31.29
N TYR A 78 2.91 14.25 30.45
CA TYR A 78 2.46 12.90 30.80
C TYR A 78 3.33 11.79 30.24
N ALA A 79 4.46 12.14 29.65
CA ALA A 79 5.38 11.18 29.06
C ALA A 79 4.63 10.04 28.35
N PRO A 80 3.85 10.36 27.32
CA PRO A 80 3.10 9.33 26.59
C PRO A 80 3.95 8.38 25.80
N ASP A 81 3.49 7.14 25.68
CA ASP A 81 4.16 6.14 24.86
C ASP A 81 3.46 6.16 23.50
N VAL A 82 2.23 6.65 23.49
CA VAL A 82 1.45 6.74 22.26
C VAL A 82 0.37 7.81 22.38
N VAL A 83 0.21 8.61 21.34
CA VAL A 83 -0.83 9.64 21.32
C VAL A 83 -1.96 9.14 20.40
N VAL A 84 -3.17 9.10 20.95
CA VAL A 84 -4.31 8.59 20.21
C VAL A 84 -5.37 9.62 19.85
N LEU A 85 -5.63 9.77 18.55
CA LEU A 85 -6.64 10.71 18.09
C LEU A 85 -7.98 9.96 17.99
N ALA A 86 -8.94 10.35 18.83
CA ALA A 86 -10.26 9.72 18.83
C ALA A 86 -11.34 10.76 18.58
N GLY A 87 -11.52 11.14 17.33
CA GLY A 87 -12.53 12.13 17.01
C GLY A 87 -11.99 13.55 17.08
N PHE A 88 -10.67 13.69 16.98
CA PHE A 88 -10.01 14.99 17.02
C PHE A 88 -10.24 15.68 15.68
N MET A 89 -11.10 16.71 15.67
CA MET A 89 -11.47 17.43 14.44
C MET A 89 -10.52 18.55 14.08
N ARG A 90 -9.24 18.36 14.33
CA ARG A 90 -8.29 19.39 13.99
C ARG A 90 -7.03 18.81 13.34
N ILE A 91 -6.67 19.33 12.17
CA ILE A 91 -5.45 18.93 11.46
C ILE A 91 -4.21 19.32 12.25
N LEU A 92 -3.30 18.38 12.43
CA LEU A 92 -2.07 18.63 13.16
C LEU A 92 -0.93 19.01 12.21
N SER A 93 -0.06 19.90 12.67
CA SER A 93 1.07 20.38 11.86
C SER A 93 2.17 19.36 11.72
N PRO A 94 3.00 19.51 10.68
CA PRO A 94 4.12 18.61 10.42
C PRO A 94 5.03 18.43 11.63
N ALA A 95 5.34 19.53 12.31
CA ALA A 95 6.19 19.47 13.49
C ALA A 95 5.58 18.51 14.51
N PHE A 96 4.28 18.64 14.74
CA PHE A 96 3.58 17.79 15.69
C PHE A 96 3.64 16.33 15.24
N VAL A 97 3.28 16.09 13.99
CA VAL A 97 3.33 14.73 13.44
C VAL A 97 4.75 14.20 13.59
N SER A 98 5.73 15.06 13.34
CA SER A 98 7.13 14.67 13.47
C SER A 98 7.48 14.26 14.89
N HIS A 99 7.08 15.09 15.85
CA HIS A 99 7.40 14.84 17.24
C HIS A 99 6.87 13.50 17.77
N TYR A 100 5.76 13.01 17.21
CA TYR A 100 5.20 11.72 17.65
C TYR A 100 5.23 10.70 16.52
N ALA A 101 6.21 10.84 15.64
CA ALA A 101 6.33 9.93 14.52
C ALA A 101 6.34 8.48 15.05
N GLY A 102 5.60 7.62 14.38
CA GLY A 102 5.54 6.22 14.77
C GLY A 102 4.76 5.91 16.04
N ARG A 103 4.32 6.95 16.76
CA ARG A 103 3.57 6.76 18.00
C ARG A 103 2.34 7.67 18.05
N LEU A 104 1.79 7.95 16.87
CA LEU A 104 0.62 8.78 16.74
C LEU A 104 -0.41 7.99 15.95
N LEU A 105 -1.56 7.74 16.57
CA LEU A 105 -2.59 6.95 15.91
C LEU A 105 -3.88 7.71 15.72
N ASN A 106 -4.65 7.29 14.71
CA ASN A 106 -5.93 7.88 14.39
C ASN A 106 -6.88 6.82 13.85
N ILE A 107 -8.17 7.07 13.99
CA ILE A 107 -9.16 6.16 13.48
C ILE A 107 -10.10 6.96 12.57
N HIS A 108 -9.99 6.74 11.28
CA HIS A 108 -10.80 7.45 10.27
C HIS A 108 -12.09 6.65 9.97
N PRO A 109 -13.26 7.30 10.00
CA PRO A 109 -14.57 6.72 9.73
C PRO A 109 -14.92 6.27 8.32
N SER A 110 -13.98 5.70 7.56
CA SER A 110 -14.26 5.22 6.19
C SER A 110 -13.23 4.18 5.85
N LEU A 111 -13.45 3.49 4.74
CA LEU A 111 -12.51 2.47 4.29
C LEU A 111 -11.43 3.11 3.41
N LEU A 112 -10.42 3.68 4.05
CA LEU A 112 -9.35 4.33 3.35
C LEU A 112 -8.76 3.38 2.26
N PRO A 113 -8.26 3.92 1.09
CA PRO A 113 -8.16 5.34 0.73
C PRO A 113 -9.46 6.07 0.42
N LYS A 114 -10.57 5.35 0.40
CA LYS A 114 -11.86 5.94 0.05
C LYS A 114 -12.34 6.96 1.09
N TYR A 115 -12.75 8.14 0.63
CA TYR A 115 -13.28 9.17 1.46
C TYR A 115 -12.36 9.74 2.52
N PRO A 116 -11.20 10.29 2.12
CA PRO A 116 -10.27 10.86 3.11
C PRO A 116 -11.02 12.12 3.59
N GLY A 117 -10.79 12.53 4.83
CA GLY A 117 -11.48 13.72 5.31
C GLY A 117 -12.84 13.52 5.99
N LEU A 118 -13.66 14.57 5.88
CA LEU A 118 -14.98 14.63 6.49
C LEU A 118 -16.13 14.10 5.63
N HIS A 119 -17.29 13.93 6.26
CA HIS A 119 -18.51 13.46 5.60
C HIS A 119 -18.45 12.05 5.02
N THR A 120 -17.66 11.17 5.65
CA THR A 120 -17.51 9.80 5.17
C THR A 120 -18.88 9.18 4.87
N HIS A 121 -19.60 8.88 5.94
CA HIS A 121 -20.90 8.27 5.89
C HIS A 121 -21.81 8.75 4.75
N ARG A 122 -22.09 10.06 4.71
CA ARG A 122 -22.95 10.63 3.68
C ARG A 122 -22.48 10.27 2.28
N GLN A 123 -21.17 10.33 2.04
CA GLN A 123 -20.63 10.02 0.73
C GLN A 123 -20.87 8.53 0.41
N ALA A 124 -20.69 7.67 1.42
CA ALA A 124 -20.90 6.22 1.26
C ALA A 124 -22.32 5.95 0.80
N LEU A 125 -23.30 6.45 1.53
CA LEU A 125 -24.70 6.28 1.14
C LEU A 125 -24.87 6.85 -0.25
N GLU A 126 -24.57 8.13 -0.39
CA GLU A 126 -24.73 8.79 -1.68
C GLU A 126 -24.10 8.01 -2.83
N ASN A 127 -22.77 7.84 -2.81
CA ASN A 127 -22.07 7.11 -3.86
C ASN A 127 -22.58 5.67 -3.95
N GLY A 128 -23.68 5.39 -3.24
CA GLY A 128 -24.30 4.07 -3.24
C GLY A 128 -23.38 2.90 -2.97
N ASP A 129 -22.59 2.96 -1.89
CA ASP A 129 -21.68 1.87 -1.60
C ASP A 129 -22.39 0.70 -0.91
N GLU A 130 -21.99 -0.53 -1.24
CA GLU A 130 -22.58 -1.73 -0.65
C GLU A 130 -21.75 -2.11 0.57
N GLU A 131 -20.70 -1.35 0.82
CA GLU A 131 -19.85 -1.63 1.96
C GLU A 131 -19.21 -0.35 2.50
N HIS A 132 -19.30 -0.15 3.82
CA HIS A 132 -18.72 1.03 4.45
C HIS A 132 -17.93 0.53 5.66
N GLY A 133 -17.17 1.42 6.32
CA GLY A 133 -16.39 0.97 7.47
C GLY A 133 -15.49 2.02 8.10
N THR A 134 -14.51 1.56 8.88
CA THR A 134 -13.59 2.45 9.56
C THR A 134 -12.14 1.99 9.37
N SER A 135 -11.17 2.90 9.54
CA SER A 135 -9.76 2.54 9.40
C SER A 135 -8.86 3.16 10.45
N VAL A 136 -8.13 2.32 11.18
CA VAL A 136 -7.20 2.82 12.18
C VAL A 136 -5.86 2.87 11.48
N HIS A 137 -5.16 3.99 11.59
CA HIS A 137 -3.86 4.10 10.93
C HIS A 137 -2.84 4.96 11.67
N PHE A 138 -1.58 4.82 11.28
CA PHE A 138 -0.51 5.64 11.83
C PHE A 138 -0.71 6.99 11.15
N VAL A 139 -0.55 8.07 11.92
CA VAL A 139 -0.70 9.42 11.40
C VAL A 139 0.60 9.93 10.82
N THR A 140 0.49 10.50 9.62
CA THR A 140 1.60 11.08 8.85
C THR A 140 0.95 12.42 8.44
N ASP A 141 1.70 13.37 7.89
CA ASP A 141 1.13 14.67 7.51
C ASP A 141 -0.03 14.54 6.52
N GLU A 142 -0.02 13.48 5.72
CA GLU A 142 -1.03 13.29 4.70
C GLU A 142 -2.36 12.89 5.36
N LEU A 143 -3.29 13.83 5.37
CA LEU A 143 -4.66 13.71 5.96
C LEU A 143 -5.18 12.30 5.77
N ASP A 144 -5.31 11.54 6.82
CA ASP A 144 -5.75 10.14 6.62
C ASP A 144 -4.94 9.37 5.53
N GLY A 145 -3.73 9.82 5.24
CA GLY A 145 -2.88 9.22 4.23
C GLY A 145 -1.95 8.23 4.87
N GLY A 146 -1.54 8.41 6.14
CA GLY A 146 -0.67 7.39 6.75
C GLY A 146 -0.98 5.88 6.58
N PRO A 147 -0.07 4.93 6.98
CA PRO A 147 -0.22 3.46 6.88
C PRO A 147 -1.42 2.94 7.66
N VAL A 148 -2.35 2.32 6.92
CA VAL A 148 -3.55 1.77 7.53
C VAL A 148 -3.14 0.52 8.30
N ILE A 149 -3.61 0.40 9.54
CA ILE A 149 -3.26 -0.73 10.39
C ILE A 149 -4.37 -1.78 10.41
N LEU A 150 -5.60 -1.33 10.46
CA LEU A 150 -6.72 -2.25 10.51
C LEU A 150 -8.01 -1.53 10.15
N GLN A 151 -8.86 -2.22 9.39
CA GLN A 151 -10.14 -1.67 8.99
C GLN A 151 -11.19 -2.67 9.43
N ALA A 152 -12.43 -2.18 9.53
CA ALA A 152 -13.58 -2.99 9.91
C ALA A 152 -14.68 -2.68 8.91
N LYS A 153 -14.93 -3.60 7.99
CA LYS A 153 -15.95 -3.38 6.98
C LYS A 153 -17.32 -3.53 7.57
N VAL A 154 -18.30 -2.94 6.92
CA VAL A 154 -19.67 -3.03 7.40
C VAL A 154 -20.61 -3.01 6.19
N PRO A 155 -21.53 -3.99 6.09
CA PRO A 155 -22.48 -4.04 4.97
C PRO A 155 -23.47 -2.90 4.97
N VAL A 156 -23.90 -2.51 3.78
CA VAL A 156 -24.88 -1.43 3.60
C VAL A 156 -26.05 -1.96 2.76
N PHE A 157 -27.23 -1.96 3.37
CA PHE A 157 -28.46 -2.46 2.77
C PHE A 157 -29.47 -1.34 2.51
N ALA A 158 -30.24 -1.48 1.43
CA ALA A 158 -31.27 -0.50 1.10
C ALA A 158 -32.17 -0.48 2.33
N GLY A 159 -32.45 0.71 2.82
CA GLY A 159 -33.25 0.83 4.03
C GLY A 159 -32.38 1.36 5.14
N ASP A 160 -31.07 1.45 4.92
CA ASP A 160 -30.20 1.95 5.97
C ASP A 160 -29.98 3.47 5.94
N SER A 161 -30.19 4.12 7.09
CA SER A 161 -30.03 5.57 7.16
C SER A 161 -28.59 5.93 7.51
N GLU A 162 -28.27 7.22 7.38
CA GLU A 162 -26.92 7.65 7.70
C GLU A 162 -26.65 7.35 9.17
N ASP A 163 -27.69 7.42 9.99
CA ASP A 163 -27.53 7.12 11.40
C ASP A 163 -27.45 5.61 11.60
N ASP A 164 -28.23 4.86 10.82
CA ASP A 164 -28.18 3.40 10.95
C ASP A 164 -26.76 2.93 10.70
N ILE A 165 -26.16 3.42 9.62
CA ILE A 165 -24.83 2.97 9.26
C ILE A 165 -23.74 3.51 10.19
N THR A 166 -23.87 4.79 10.56
CA THR A 166 -22.92 5.42 11.47
C THR A 166 -22.81 4.63 12.78
N ALA A 167 -23.95 4.29 13.37
CA ALA A 167 -24.00 3.54 14.62
C ALA A 167 -23.41 2.15 14.44
N ARG A 168 -23.54 1.64 13.22
CA ARG A 168 -23.03 0.32 12.89
C ARG A 168 -21.50 0.39 12.84
N VAL A 169 -20.97 1.43 12.20
CA VAL A 169 -19.52 1.62 12.09
C VAL A 169 -18.93 1.88 13.49
N GLN A 170 -19.59 2.70 14.29
CA GLN A 170 -19.12 2.99 15.64
C GLN A 170 -18.87 1.73 16.41
N THR A 171 -19.85 0.84 16.37
CA THR A 171 -19.76 -0.43 17.07
C THR A 171 -18.45 -1.11 16.69
N GLN A 172 -18.09 -1.07 15.41
CA GLN A 172 -16.84 -1.69 14.98
C GLN A 172 -15.64 -0.93 15.54
N GLU A 173 -15.69 0.40 15.46
CA GLU A 173 -14.62 1.24 15.95
C GLU A 173 -14.26 0.91 17.40
N HIS A 174 -15.27 0.68 18.22
CA HIS A 174 -15.07 0.38 19.63
C HIS A 174 -14.38 -0.96 19.80
N ALA A 175 -14.41 -1.76 18.75
CA ALA A 175 -13.80 -3.07 18.76
C ALA A 175 -12.35 -3.07 18.28
N ILE A 176 -12.09 -2.44 17.14
CA ILE A 176 -10.75 -2.46 16.59
C ILE A 176 -9.76 -1.42 17.12
N TYR A 177 -10.24 -0.30 17.63
CA TYR A 177 -9.31 0.71 18.11
C TYR A 177 -8.59 0.20 19.35
N PRO A 178 -9.32 -0.24 20.37
CA PRO A 178 -8.68 -0.75 21.59
C PRO A 178 -7.74 -1.90 21.24
N LEU A 179 -8.14 -2.68 20.24
CA LEU A 179 -7.34 -3.81 19.81
C LEU A 179 -6.01 -3.35 19.26
N VAL A 180 -6.04 -2.41 18.32
CA VAL A 180 -4.82 -1.89 17.71
C VAL A 180 -3.90 -1.28 18.75
N ILE A 181 -4.49 -0.56 19.70
CA ILE A 181 -3.71 0.06 20.76
C ILE A 181 -3.01 -1.03 21.59
N SER A 182 -3.70 -2.14 21.86
CA SER A 182 -3.07 -3.20 22.63
C SER A 182 -1.88 -3.76 21.85
N TRP A 183 -2.02 -3.90 20.53
CA TRP A 183 -0.93 -4.40 19.72
C TRP A 183 0.26 -3.49 19.88
N PHE A 184 -0.01 -2.19 19.86
CA PHE A 184 1.04 -1.20 20.00
C PHE A 184 1.65 -1.29 21.39
N ALA A 185 0.79 -1.37 22.40
CA ALA A 185 1.25 -1.46 23.78
C ALA A 185 2.12 -2.67 24.04
N ASP A 186 1.94 -3.75 23.27
CA ASP A 186 2.76 -4.95 23.47
C ASP A 186 4.00 -4.95 22.57
N GLY A 187 4.31 -3.79 21.99
CA GLY A 187 5.48 -3.70 21.13
C GLY A 187 5.36 -4.56 19.89
N ARG A 188 4.15 -4.97 19.57
CA ARG A 188 3.89 -5.80 18.40
C ARG A 188 3.63 -5.01 17.13
N LEU A 189 3.31 -3.74 17.31
CA LEU A 189 3.02 -2.85 16.19
C LEU A 189 4.04 -1.73 16.06
N LYS A 190 4.59 -1.55 14.87
CA LYS A 190 5.54 -0.48 14.66
C LYS A 190 5.43 0.09 13.25
N MET A 191 6.04 1.24 13.04
CA MET A 191 6.03 1.89 11.73
C MET A 191 7.39 2.34 11.26
N HIS A 192 7.85 1.84 10.13
CA HIS A 192 9.12 2.30 9.58
C HIS A 192 9.04 2.16 8.07
N GLU A 193 9.81 2.98 7.35
CA GLU A 193 9.76 2.98 5.89
C GLU A 193 8.31 3.29 5.54
N ASN A 194 7.74 4.18 6.34
CA ASN A 194 6.36 4.63 6.21
C ASN A 194 5.40 3.47 5.91
N ALA A 195 5.56 2.37 6.64
CA ALA A 195 4.69 1.21 6.49
C ALA A 195 4.28 0.74 7.88
N ALA A 196 3.20 -0.04 7.96
CA ALA A 196 2.74 -0.57 9.24
C ALA A 196 3.14 -2.04 9.34
N TRP A 197 3.75 -2.42 10.45
CA TRP A 197 4.22 -3.80 10.65
C TRP A 197 3.63 -4.45 11.91
N LEU A 198 2.99 -5.61 11.76
CA LEU A 198 2.41 -6.33 12.87
C LEU A 198 3.16 -7.64 13.09
N ASP A 199 3.72 -7.83 14.28
CA ASP A 199 4.48 -9.04 14.60
C ASP A 199 5.65 -9.21 13.62
N GLY A 200 6.24 -8.09 13.21
CA GLY A 200 7.37 -8.09 12.31
C GLY A 200 7.02 -8.20 10.83
N GLN A 201 5.73 -8.34 10.58
CA GLN A 201 5.28 -8.52 9.23
C GLN A 201 4.64 -7.26 8.63
N ARG A 202 5.00 -6.94 7.39
CA ARG A 202 4.47 -5.78 6.68
C ARG A 202 2.97 -5.98 6.43
N LEU A 203 2.16 -4.95 6.69
CA LEU A 203 0.73 -5.06 6.50
C LEU A 203 0.29 -4.47 5.13
N PRO A 204 -0.66 -5.04 4.49
CA PRO A 204 -1.16 -4.56 3.17
C PRO A 204 -1.70 -3.09 3.22
N PRO A 205 -1.90 -2.44 2.07
CA PRO A 205 -2.40 -1.06 2.01
C PRO A 205 -3.71 -0.83 2.79
N GLN A 206 -4.47 -1.92 2.93
CA GLN A 206 -5.77 -1.98 3.63
C GLN A 206 -5.68 -2.40 5.09
N GLY A 207 -4.48 -2.60 5.59
CA GLY A 207 -4.37 -3.06 6.97
C GLY A 207 -4.43 -4.58 7.12
N TYR A 208 -4.15 -5.07 8.34
CA TYR A 208 -4.14 -6.52 8.60
C TYR A 208 -5.25 -7.25 7.87
N ALA A 209 -4.85 -8.28 7.13
CA ALA A 209 -5.79 -9.08 6.37
C ALA A 209 -5.72 -10.55 6.83
N MET B 1 -3.60 -19.62 -25.23
CA MET B 1 -3.25 -18.49 -24.31
C MET B 1 -2.21 -17.63 -25.02
N ASN B 2 -2.59 -16.40 -25.38
CA ASN B 2 -1.66 -15.51 -26.08
C ASN B 2 -0.94 -14.51 -25.19
N ILE B 3 0.38 -14.48 -25.31
CA ILE B 3 1.23 -13.59 -24.53
C ILE B 3 1.93 -12.57 -25.43
N VAL B 4 1.92 -11.31 -25.01
CA VAL B 4 2.62 -10.27 -25.75
C VAL B 4 3.64 -9.69 -24.77
N VAL B 5 4.91 -9.70 -25.18
CA VAL B 5 5.98 -9.21 -24.30
C VAL B 5 6.52 -7.85 -24.75
N LEU B 6 6.74 -6.95 -23.80
CA LEU B 6 7.28 -5.63 -24.11
C LEU B 6 8.69 -5.50 -23.54
N ILE B 7 9.64 -5.09 -24.36
CA ILE B 7 11.02 -4.98 -23.91
C ILE B 7 11.71 -3.68 -24.32
N SER B 8 12.96 -3.54 -23.88
CA SER B 8 13.75 -2.38 -24.22
C SER B 8 15.21 -2.73 -24.46
N GLY B 9 15.66 -3.89 -23.96
CA GLY B 9 17.05 -4.26 -24.13
C GLY B 9 17.39 -5.67 -24.57
N ASN B 10 18.25 -6.33 -23.80
CA ASN B 10 18.73 -7.69 -24.09
C ASN B 10 17.67 -8.77 -24.14
N GLY B 11 16.67 -8.69 -23.27
CA GLY B 11 15.62 -9.68 -23.29
C GLY B 11 15.95 -11.07 -22.76
N SER B 12 16.73 -11.19 -21.69
CA SER B 12 17.02 -12.52 -21.16
C SER B 12 15.76 -13.10 -20.54
N ASN B 13 14.96 -12.25 -19.89
CA ASN B 13 13.70 -12.71 -19.31
C ASN B 13 12.76 -13.16 -20.43
N LEU B 14 12.75 -12.42 -21.53
CA LEU B 14 11.91 -12.79 -22.68
C LEU B 14 12.27 -14.20 -23.11
N GLN B 15 13.57 -14.47 -23.17
CA GLN B 15 14.07 -15.77 -23.57
C GLN B 15 13.57 -16.87 -22.63
N ALA B 16 13.64 -16.62 -21.33
CA ALA B 16 13.18 -17.61 -20.35
C ALA B 16 11.71 -17.92 -20.58
N ILE B 17 10.94 -16.88 -20.85
CA ILE B 17 9.51 -17.05 -21.12
C ILE B 17 9.35 -17.87 -22.39
N ILE B 18 10.05 -17.49 -23.45
CA ILE B 18 9.97 -18.24 -24.70
C ILE B 18 10.28 -19.72 -24.46
N ASP B 19 11.36 -20.00 -23.73
CA ASP B 19 11.74 -21.39 -23.48
C ASP B 19 10.67 -22.15 -22.68
N ALA B 20 10.03 -21.45 -21.74
CA ALA B 20 8.99 -22.08 -20.92
C ALA B 20 7.74 -22.44 -21.73
N CYS B 21 7.44 -21.65 -22.76
CA CYS B 21 6.28 -21.96 -23.59
C CYS B 21 6.59 -23.20 -24.41
N LYS B 22 7.83 -23.25 -24.90
CA LYS B 22 8.33 -24.35 -25.71
C LYS B 22 8.26 -25.70 -24.96
N THR B 23 8.64 -25.70 -23.69
CA THR B 23 8.60 -26.91 -22.86
C THR B 23 7.17 -27.13 -22.35
N ASN B 24 6.33 -26.13 -22.56
CA ASN B 24 4.92 -26.15 -22.16
C ASN B 24 4.73 -25.94 -20.66
N LYS B 25 5.79 -25.50 -19.97
CA LYS B 25 5.70 -25.21 -18.53
C LYS B 25 4.63 -24.13 -18.50
N ILE B 26 4.65 -23.29 -19.53
CA ILE B 26 3.64 -22.26 -19.68
C ILE B 26 2.80 -22.80 -20.82
N LYS B 27 1.51 -22.99 -20.58
CA LYS B 27 0.63 -23.52 -21.59
C LYS B 27 0.07 -22.39 -22.45
N GLY B 28 0.98 -21.75 -23.17
CA GLY B 28 0.62 -20.65 -24.03
C GLY B 28 1.79 -20.34 -24.94
N THR B 29 1.69 -19.23 -25.67
CA THR B 29 2.71 -18.86 -26.63
C THR B 29 2.94 -17.36 -26.63
N VAL B 30 4.17 -16.96 -26.95
CA VAL B 30 4.51 -15.56 -27.06
C VAL B 30 4.12 -15.22 -28.51
N ARG B 31 3.05 -14.46 -28.66
CA ARG B 31 2.55 -14.08 -29.96
C ARG B 31 3.28 -12.90 -30.59
N ALA B 32 3.84 -12.03 -29.75
CA ALA B 32 4.57 -10.87 -30.25
C ALA B 32 5.44 -10.22 -29.19
N VAL B 33 6.45 -9.51 -29.68
CA VAL B 33 7.38 -8.80 -28.84
C VAL B 33 7.47 -7.34 -29.31
N PHE B 34 7.16 -6.41 -28.42
CA PHE B 34 7.23 -4.98 -28.73
C PHE B 34 8.40 -4.34 -28.01
N SER B 35 9.02 -3.36 -28.65
CA SER B 35 10.15 -2.65 -28.07
C SER B 35 10.07 -1.16 -28.38
N ASN B 36 10.65 -0.35 -27.50
CA ASN B 36 10.65 1.09 -27.70
C ASN B 36 12.03 1.50 -28.18
N LYS B 37 12.90 0.51 -28.36
CA LYS B 37 14.26 0.73 -28.87
C LYS B 37 14.54 -0.21 -30.02
N ALA B 38 14.83 0.39 -31.18
CA ALA B 38 15.10 -0.40 -32.37
C ALA B 38 16.20 -1.43 -32.22
N ASP B 39 17.17 -1.12 -31.35
CA ASP B 39 18.32 -2.01 -31.18
C ASP B 39 18.12 -3.24 -30.31
N ALA B 40 17.21 -3.14 -29.35
CA ALA B 40 16.94 -4.25 -28.44
C ALA B 40 17.21 -5.62 -29.06
N PHE B 41 18.14 -6.34 -28.46
CA PHE B 41 18.50 -7.66 -28.94
C PHE B 41 17.37 -8.64 -28.73
N GLY B 42 16.48 -8.31 -27.81
CA GLY B 42 15.36 -9.20 -27.57
C GLY B 42 14.60 -9.47 -28.87
N LEU B 43 14.45 -8.42 -29.67
CA LEU B 43 13.73 -8.51 -30.93
C LEU B 43 14.35 -9.59 -31.78
N GLU B 44 15.68 -9.66 -31.71
CA GLU B 44 16.44 -10.62 -32.47
C GLU B 44 16.17 -12.03 -31.90
N ARG B 45 15.91 -12.11 -30.60
CA ARG B 45 15.61 -13.40 -29.97
C ARG B 45 14.26 -13.85 -30.52
N ALA B 46 13.29 -12.95 -30.51
CA ALA B 46 11.96 -13.26 -31.01
C ALA B 46 11.99 -13.61 -32.50
N ARG B 47 12.80 -12.87 -33.25
CA ARG B 47 12.94 -13.08 -34.69
C ARG B 47 13.38 -14.51 -34.96
N GLN B 48 14.43 -14.95 -34.26
CA GLN B 48 14.98 -16.28 -34.44
C GLN B 48 14.00 -17.37 -34.02
N ALA B 49 13.04 -17.00 -33.17
CA ALA B 49 12.05 -17.98 -32.72
C ALA B 49 10.80 -17.98 -33.57
N GLY B 50 10.82 -17.24 -34.67
CA GLY B 50 9.66 -17.20 -35.55
C GLY B 50 8.50 -16.43 -34.95
N ILE B 51 8.82 -15.51 -34.05
CA ILE B 51 7.83 -14.67 -33.37
C ILE B 51 7.86 -13.28 -33.98
N ALA B 52 6.69 -12.68 -34.14
CA ALA B 52 6.57 -11.34 -34.72
C ALA B 52 7.18 -10.25 -33.83
N THR B 53 7.65 -9.17 -34.44
CA THR B 53 8.25 -8.07 -33.69
C THR B 53 7.77 -6.72 -34.18
N HIS B 54 7.78 -5.76 -33.28
CA HIS B 54 7.36 -4.40 -33.56
C HIS B 54 8.19 -3.42 -32.77
N THR B 55 8.32 -2.20 -33.30
CA THR B 55 9.07 -1.15 -32.66
C THR B 55 8.31 0.17 -32.75
N LEU B 56 8.13 0.79 -31.58
CA LEU B 56 7.46 2.08 -31.47
C LEU B 56 8.41 3.08 -30.81
N ILE B 57 8.91 3.99 -31.64
CA ILE B 57 9.83 5.05 -31.23
C ILE B 57 9.08 6.25 -30.68
N ALA B 58 9.42 6.65 -29.46
CA ALA B 58 8.76 7.77 -28.80
C ALA B 58 8.83 9.06 -29.61
N SER B 59 9.87 9.22 -30.41
CA SER B 59 10.03 10.43 -31.20
C SER B 59 8.93 10.56 -32.25
N ALA B 60 8.53 9.44 -32.86
CA ALA B 60 7.49 9.44 -33.88
C ALA B 60 6.12 9.86 -33.36
N PHE B 61 6.02 10.12 -32.07
CA PHE B 61 4.75 10.53 -31.47
C PHE B 61 4.93 11.86 -30.77
N ASP B 62 3.84 12.62 -30.66
CA ASP B 62 3.91 13.93 -30.04
C ASP B 62 3.37 14.02 -28.62
N SER B 63 3.08 12.87 -28.00
CA SER B 63 2.58 12.83 -26.63
C SER B 63 2.60 11.38 -26.14
N ARG B 64 2.69 11.19 -24.82
CA ARG B 64 2.71 9.84 -24.28
C ARG B 64 1.38 9.15 -24.58
N GLU B 65 0.28 9.88 -24.48
CA GLU B 65 -1.04 9.33 -24.76
C GLU B 65 -1.13 8.79 -26.20
N ALA B 66 -0.60 9.56 -27.15
CA ALA B 66 -0.64 9.15 -28.55
C ALA B 66 0.18 7.89 -28.77
N TYR B 67 1.27 7.81 -28.02
CA TYR B 67 2.18 6.68 -28.13
C TYR B 67 1.52 5.39 -27.64
N ASP B 68 0.98 5.43 -26.43
CA ASP B 68 0.36 4.24 -25.87
C ASP B 68 -0.84 3.85 -26.71
N ARG B 69 -1.53 4.84 -27.22
CA ARG B 69 -2.69 4.50 -28.01
C ARG B 69 -2.35 3.63 -29.20
N GLU B 70 -1.28 3.97 -29.90
CA GLU B 70 -0.82 3.21 -31.05
C GLU B 70 -0.26 1.89 -30.52
N LEU B 71 0.23 1.91 -29.27
CA LEU B 71 0.76 0.69 -28.67
C LEU B 71 -0.41 -0.27 -28.42
N ILE B 72 -1.47 0.22 -27.81
CA ILE B 72 -2.65 -0.60 -27.54
C ILE B 72 -3.20 -1.16 -28.86
N HIS B 73 -3.36 -0.26 -29.84
CA HIS B 73 -3.86 -0.65 -31.16
C HIS B 73 -3.03 -1.77 -31.76
N GLU B 74 -1.70 -1.68 -31.65
CA GLU B 74 -0.83 -2.70 -32.20
C GLU B 74 -0.88 -3.99 -31.37
N ILE B 75 -0.59 -3.89 -30.07
CA ILE B 75 -0.61 -5.06 -29.21
C ILE B 75 -1.89 -5.88 -29.38
N ASP B 76 -3.02 -5.21 -29.51
CA ASP B 76 -4.30 -5.90 -29.65
C ASP B 76 -4.53 -6.73 -30.92
N MET B 77 -3.73 -6.52 -31.95
CA MET B 77 -3.88 -7.30 -33.18
C MET B 77 -3.65 -8.77 -32.85
N TYR B 78 -2.91 -9.01 -31.76
CA TYR B 78 -2.56 -10.35 -31.32
C TYR B 78 -3.50 -10.96 -30.27
N ALA B 79 -4.55 -10.24 -29.93
CA ALA B 79 -5.53 -10.71 -28.96
C ALA B 79 -4.84 -11.36 -27.76
N PRO B 80 -4.00 -10.61 -27.05
CA PRO B 80 -3.29 -11.15 -25.88
C PRO B 80 -4.18 -11.47 -24.68
N ASP B 81 -3.82 -12.51 -23.96
CA ASP B 81 -4.53 -12.88 -22.74
C ASP B 81 -3.78 -12.19 -21.61
N VAL B 82 -2.52 -11.87 -21.85
CA VAL B 82 -1.69 -11.19 -20.86
C VAL B 82 -0.56 -10.41 -21.54
N VAL B 83 -0.26 -9.22 -21.00
CA VAL B 83 0.82 -8.41 -21.54
C VAL B 83 1.93 -8.46 -20.49
N VAL B 84 3.13 -8.80 -20.94
CA VAL B 84 4.26 -8.94 -20.04
C VAL B 84 5.38 -7.95 -20.29
N LEU B 85 5.73 -7.22 -19.24
CA LEU B 85 6.80 -6.23 -19.34
C LEU B 85 8.09 -6.91 -18.87
N ALA B 86 9.03 -7.09 -19.80
CA ALA B 86 10.29 -7.71 -19.44
C ALA B 86 11.45 -6.78 -19.78
N GLY B 87 11.69 -5.80 -18.91
CA GLY B 87 12.78 -4.86 -19.15
C GLY B 87 12.34 -3.64 -19.93
N PHE B 88 11.04 -3.40 -19.94
CA PHE B 88 10.46 -2.28 -20.65
C PHE B 88 10.77 -1.00 -19.87
N MET B 89 11.71 -0.22 -20.40
CA MET B 89 12.19 1.01 -19.75
C MET B 89 11.32 2.25 -19.97
N ARG B 90 10.03 2.06 -20.17
CA ARG B 90 9.16 3.19 -20.41
C ARG B 90 7.90 3.13 -19.54
N ILE B 91 7.56 4.24 -18.91
CA ILE B 91 6.38 4.31 -18.08
C ILE B 91 5.12 4.34 -18.92
N LEU B 92 4.15 3.52 -18.55
CA LEU B 92 2.91 3.46 -19.30
C LEU B 92 1.81 4.33 -18.71
N SER B 93 1.02 4.95 -19.57
CA SER B 93 -0.05 5.83 -19.14
C SER B 93 -1.21 5.09 -18.47
N PRO B 94 -2.02 5.80 -17.67
CA PRO B 94 -3.16 5.22 -16.95
C PRO B 94 -4.15 4.55 -17.90
N ALA B 95 -4.33 5.13 -19.07
CA ALA B 95 -5.23 4.58 -20.07
C ALA B 95 -4.79 3.16 -20.39
N PHE B 96 -3.50 3.01 -20.69
CA PHE B 96 -2.90 1.73 -21.02
C PHE B 96 -3.01 0.76 -19.86
N VAL B 97 -2.63 1.22 -18.67
CA VAL B 97 -2.72 0.36 -17.50
C VAL B 97 -4.19 -0.06 -17.34
N SER B 98 -5.11 0.83 -17.63
CA SER B 98 -6.54 0.53 -17.52
C SER B 98 -6.99 -0.54 -18.52
N HIS B 99 -6.57 -0.36 -19.76
CA HIS B 99 -6.94 -1.26 -20.84
C HIS B 99 -6.53 -2.71 -20.58
N TYR B 100 -5.46 -2.91 -19.83
CA TYR B 100 -4.98 -4.25 -19.52
C TYR B 100 -5.04 -4.56 -18.05
N ALA B 101 -5.91 -3.85 -17.34
CA ALA B 101 -6.05 -4.08 -15.91
C ALA B 101 -6.17 -5.58 -15.64
N GLY B 102 -5.49 -6.03 -14.59
CA GLY B 102 -5.52 -7.43 -14.21
C GLY B 102 -4.80 -8.40 -15.11
N ARG B 103 -4.36 -7.95 -16.28
CA ARG B 103 -3.63 -8.82 -17.21
C ARG B 103 -2.36 -8.16 -17.72
N LEU B 104 -1.79 -7.31 -16.88
CA LEU B 104 -0.55 -6.61 -17.21
C LEU B 104 0.46 -6.93 -16.10
N LEU B 105 1.57 -7.55 -16.49
CA LEU B 105 2.59 -7.95 -15.53
C LEU B 105 3.94 -7.30 -15.74
N ASN B 106 4.70 -7.23 -14.66
CA ASN B 106 6.03 -6.65 -14.70
C ASN B 106 6.92 -7.32 -13.67
N ILE B 107 8.22 -7.28 -13.91
CA ILE B 107 9.18 -7.86 -12.99
C ILE B 107 10.21 -6.78 -12.64
N HIS B 108 10.12 -6.27 -11.42
CA HIS B 108 11.00 -5.21 -10.94
C HIS B 108 12.22 -5.80 -10.22
N PRO B 109 13.42 -5.38 -10.64
CA PRO B 109 14.71 -5.82 -10.09
C PRO B 109 15.11 -5.45 -8.66
N SER B 110 14.14 -5.46 -7.74
CA SER B 110 14.42 -5.14 -6.35
C SER B 110 13.33 -5.77 -5.51
N LEU B 111 13.56 -5.83 -4.20
CA LEU B 111 12.58 -6.41 -3.28
C LEU B 111 11.58 -5.33 -2.86
N LEU B 112 10.58 -5.12 -3.69
CA LEU B 112 9.54 -4.13 -3.43
C LEU B 112 8.91 -4.28 -2.06
N PRO B 113 8.49 -3.17 -1.44
CA PRO B 113 8.49 -1.75 -1.84
C PRO B 113 9.86 -1.05 -1.90
N LYS B 114 10.92 -1.78 -1.62
CA LYS B 114 12.24 -1.19 -1.66
C LYS B 114 12.69 -0.82 -3.09
N TYR B 115 13.21 0.39 -3.21
CA TYR B 115 13.75 0.88 -4.49
C TYR B 115 12.88 0.89 -5.75
N PRO B 116 11.72 1.58 -5.68
CA PRO B 116 10.88 1.61 -6.87
C PRO B 116 11.75 2.42 -7.81
N GLY B 117 11.45 2.34 -9.11
CA GLY B 117 12.23 3.08 -10.10
C GLY B 117 13.46 2.36 -10.60
N LEU B 118 14.29 3.09 -11.33
CA LEU B 118 15.52 2.58 -11.92
C LEU B 118 16.69 2.58 -10.94
N HIS B 119 17.77 1.92 -11.37
CA HIS B 119 19.03 1.77 -10.63
C HIS B 119 18.98 1.04 -9.31
N THR B 120 18.25 -0.07 -9.29
CA THR B 120 18.07 -0.88 -8.09
C THR B 120 19.36 -1.45 -7.48
N HIS B 121 20.06 -2.26 -8.26
CA HIS B 121 21.29 -2.90 -7.82
C HIS B 121 22.22 -1.92 -7.12
N ARG B 122 22.45 -0.76 -7.73
CA ARG B 122 23.33 0.23 -7.13
C ARG B 122 22.89 0.64 -5.72
N GLN B 123 21.64 1.04 -5.60
CA GLN B 123 21.10 1.47 -4.31
C GLN B 123 21.28 0.37 -3.29
N ALA B 124 20.80 -0.83 -3.64
CA ALA B 124 20.91 -1.97 -2.75
C ALA B 124 22.34 -2.09 -2.25
N LEU B 125 23.29 -1.95 -3.17
CA LEU B 125 24.70 -2.08 -2.81
C LEU B 125 25.26 -0.87 -2.07
N GLU B 126 24.85 0.35 -2.46
CA GLU B 126 25.39 1.54 -1.79
C GLU B 126 24.79 1.78 -0.41
N ASN B 127 23.59 1.25 -0.17
CA ASN B 127 22.96 1.40 1.14
C ASN B 127 23.44 0.28 2.09
N GLY B 128 24.10 -0.74 1.55
CA GLY B 128 24.58 -1.81 2.40
C GLY B 128 23.51 -2.80 2.87
N ASP B 129 22.62 -3.20 1.97
CA ASP B 129 21.59 -4.16 2.32
C ASP B 129 22.27 -5.53 2.24
N GLU B 130 21.92 -6.41 3.18
CA GLU B 130 22.49 -7.76 3.22
C GLU B 130 21.67 -8.70 2.37
N GLU B 131 20.67 -8.13 1.71
CA GLU B 131 19.75 -8.95 0.93
C GLU B 131 19.14 -8.21 -0.24
N HIS B 132 19.20 -8.81 -1.42
CA HIS B 132 18.66 -8.18 -2.61
C HIS B 132 17.84 -9.17 -3.40
N GLY B 133 17.06 -8.69 -4.37
CA GLY B 133 16.26 -9.60 -5.15
C GLY B 133 15.42 -8.98 -6.26
N THR B 134 14.38 -9.71 -6.68
CA THR B 134 13.49 -9.24 -7.74
C THR B 134 12.02 -9.43 -7.33
N SER B 135 11.10 -8.70 -7.95
CA SER B 135 9.68 -8.83 -7.61
C SER B 135 8.77 -8.80 -8.84
N VAL B 136 8.00 -9.87 -9.05
CA VAL B 136 7.07 -9.91 -10.17
C VAL B 136 5.75 -9.39 -9.59
N HIS B 137 5.11 -8.46 -10.29
CA HIS B 137 3.86 -7.91 -9.77
C HIS B 137 2.90 -7.46 -10.85
N PHE B 138 1.64 -7.30 -10.47
CA PHE B 138 0.60 -6.80 -11.37
C PHE B 138 0.87 -5.30 -11.50
N VAL B 139 0.77 -4.80 -12.71
CA VAL B 139 1.02 -3.39 -12.98
C VAL B 139 -0.20 -2.52 -12.76
N THR B 140 0.04 -1.45 -12.02
CA THR B 140 -0.98 -0.45 -11.68
C THR B 140 -0.29 0.87 -12.14
N ASP B 141 -0.95 2.02 -12.02
CA ASP B 141 -0.35 3.29 -12.45
C ASP B 141 0.86 3.67 -11.58
N GLU B 142 0.80 3.26 -10.33
CA GLU B 142 1.88 3.58 -9.42
C GLU B 142 3.16 2.86 -9.81
N LEU B 143 4.18 3.64 -10.14
CA LEU B 143 5.47 3.08 -10.53
C LEU B 143 5.82 1.95 -9.55
N ASP B 144 5.68 0.70 -9.96
CA ASP B 144 5.97 -0.46 -9.09
C ASP B 144 5.22 -0.45 -7.75
N GLY B 145 3.98 0.00 -7.80
CA GLY B 145 3.17 0.05 -6.59
C GLY B 145 2.16 -1.09 -6.59
N GLY B 146 1.93 -1.68 -7.76
CA GLY B 146 0.98 -2.78 -7.87
C GLY B 146 1.23 -3.97 -6.95
N PRO B 147 0.24 -4.86 -6.81
CA PRO B 147 0.29 -6.06 -5.99
C PRO B 147 1.44 -6.99 -6.37
N VAL B 148 2.35 -7.21 -5.43
CA VAL B 148 3.50 -8.09 -5.67
C VAL B 148 3.00 -9.53 -5.67
N ILE B 149 3.41 -10.29 -6.67
CA ILE B 149 2.98 -11.68 -6.79
C ILE B 149 4.01 -12.66 -6.26
N LEU B 150 5.27 -12.40 -6.53
CA LEU B 150 6.32 -13.29 -6.08
C LEU B 150 7.68 -12.59 -6.15
N GLN B 151 8.49 -12.83 -5.12
CA GLN B 151 9.82 -12.26 -5.05
C GLN B 151 10.79 -13.41 -4.90
N ALA B 152 12.04 -13.16 -5.27
CA ALA B 152 13.09 -14.15 -5.16
C ALA B 152 14.24 -13.41 -4.48
N LYS B 153 14.49 -13.75 -3.21
CA LYS B 153 15.55 -13.07 -2.50
C LYS B 153 16.93 -13.59 -2.91
N VAL B 154 17.96 -12.81 -2.63
CA VAL B 154 19.32 -13.18 -2.99
C VAL B 154 20.28 -12.56 -1.98
N PRO B 155 21.13 -13.38 -1.35
CA PRO B 155 22.09 -12.91 -0.36
C PRO B 155 23.15 -11.98 -0.96
N VAL B 156 23.54 -10.98 -0.19
CA VAL B 156 24.57 -10.05 -0.62
C VAL B 156 25.76 -10.12 0.32
N PHE B 157 26.90 -10.54 -0.21
CA PHE B 157 28.13 -10.65 0.57
C PHE B 157 29.19 -9.62 0.17
N ALA B 158 30.07 -9.30 1.11
CA ALA B 158 31.14 -8.35 0.86
C ALA B 158 31.99 -8.88 -0.30
N GLY B 159 32.29 -8.03 -1.27
CA GLY B 159 33.08 -8.50 -2.38
C GLY B 159 32.25 -8.62 -3.63
N ASP B 160 30.94 -8.78 -3.48
CA ASP B 160 30.08 -8.91 -4.65
C ASP B 160 29.99 -7.54 -5.30
N SER B 161 30.28 -7.50 -6.60
CA SER B 161 30.22 -6.25 -7.33
C SER B 161 28.76 -6.00 -7.70
N GLU B 162 28.49 -4.89 -8.39
CA GLU B 162 27.12 -4.60 -8.82
C GLU B 162 26.71 -5.64 -9.85
N ASP B 163 27.64 -6.03 -10.72
CA ASP B 163 27.33 -7.02 -11.75
C ASP B 163 27.18 -8.41 -11.21
N ASP B 164 27.96 -8.73 -10.17
CA ASP B 164 27.89 -10.04 -9.53
C ASP B 164 26.48 -10.32 -9.04
N ILE B 165 25.95 -9.38 -8.25
CA ILE B 165 24.64 -9.55 -7.67
C ILE B 165 23.56 -9.45 -8.75
N THR B 166 23.83 -8.63 -9.76
CA THR B 166 22.90 -8.46 -10.88
C THR B 166 22.72 -9.78 -11.61
N ALA B 167 23.80 -10.49 -11.87
CA ALA B 167 23.72 -11.76 -12.57
C ALA B 167 23.07 -12.81 -11.67
N ARG B 168 23.20 -12.60 -10.36
CA ARG B 168 22.63 -13.51 -9.38
C ARG B 168 21.11 -13.32 -9.36
N VAL B 169 20.68 -12.06 -9.40
CA VAL B 169 19.26 -11.74 -9.38
C VAL B 169 18.62 -12.23 -10.68
N GLN B 170 19.30 -11.97 -11.78
CA GLN B 170 18.84 -12.35 -13.10
C GLN B 170 18.52 -13.86 -13.14
N THR B 171 19.41 -14.66 -12.59
CA THR B 171 19.20 -16.10 -12.54
C THR B 171 17.87 -16.40 -11.86
N GLN B 172 17.52 -15.65 -10.82
CA GLN B 172 16.25 -15.87 -10.14
C GLN B 172 15.08 -15.41 -11.00
N GLU B 173 15.22 -14.26 -11.63
CA GLU B 173 14.19 -13.72 -12.50
C GLU B 173 13.78 -14.72 -13.57
N HIS B 174 14.77 -15.44 -14.08
CA HIS B 174 14.50 -16.42 -15.15
C HIS B 174 13.71 -17.59 -14.61
N ALA B 175 13.71 -17.73 -13.30
CA ALA B 175 12.98 -18.82 -12.67
C ALA B 175 11.56 -18.43 -12.27
N ILE B 176 11.40 -17.31 -11.56
CA ILE B 176 10.08 -16.93 -11.10
C ILE B 176 9.14 -16.24 -12.09
N TYR B 177 9.69 -15.63 -13.14
CA TYR B 177 8.81 -14.95 -14.07
C TYR B 177 8.01 -15.95 -14.88
N PRO B 178 8.70 -16.94 -15.51
CA PRO B 178 7.97 -17.93 -16.30
C PRO B 178 6.94 -18.66 -15.44
N LEU B 179 7.28 -18.87 -14.17
CA LEU B 179 6.42 -19.55 -13.20
C LEU B 179 5.15 -18.72 -12.95
N VAL B 180 5.32 -17.43 -12.65
CA VAL B 180 4.17 -16.58 -12.40
C VAL B 180 3.27 -16.53 -13.62
N ILE B 181 3.87 -16.49 -14.81
CA ILE B 181 3.09 -16.45 -16.03
C ILE B 181 2.30 -17.76 -16.18
N SER B 182 2.90 -18.88 -15.83
CA SER B 182 2.19 -20.14 -15.94
C SER B 182 1.02 -20.15 -14.96
N TRP B 183 1.20 -19.55 -13.79
CA TRP B 183 0.11 -19.51 -12.83
C TRP B 183 -1.04 -18.74 -13.44
N PHE B 184 -0.71 -17.64 -14.11
CA PHE B 184 -1.70 -16.80 -14.75
C PHE B 184 -2.37 -17.58 -15.88
N ALA B 185 -1.55 -18.23 -16.69
CA ALA B 185 -2.04 -19.01 -17.82
C ALA B 185 -3.03 -20.10 -17.40
N ASP B 186 -2.87 -20.64 -16.19
CA ASP B 186 -3.78 -21.70 -15.75
C ASP B 186 -4.98 -21.09 -14.98
N GLY B 187 -5.16 -19.78 -15.09
CA GLY B 187 -6.26 -19.13 -14.42
C GLY B 187 -6.20 -19.27 -12.91
N ARG B 188 -4.99 -19.52 -12.40
CA ARG B 188 -4.78 -19.66 -10.96
C ARG B 188 -4.42 -18.32 -10.33
N LEU B 189 -4.09 -17.34 -11.17
CA LEU B 189 -3.66 -16.05 -10.68
C LEU B 189 -4.57 -14.91 -11.12
N LYS B 190 -5.08 -14.15 -10.18
CA LYS B 190 -5.93 -13.04 -10.57
C LYS B 190 -5.73 -11.85 -9.64
N MET B 191 -6.29 -10.72 -10.04
CA MET B 191 -6.17 -9.50 -9.25
C MET B 191 -7.49 -8.78 -9.14
N HIS B 192 -7.90 -8.52 -7.91
CA HIS B 192 -9.11 -7.77 -7.65
C HIS B 192 -9.01 -7.09 -6.30
N GLU B 193 -9.70 -5.96 -6.16
CA GLU B 193 -9.63 -5.18 -4.93
C GLU B 193 -8.15 -4.85 -4.81
N ASN B 194 -7.55 -4.63 -5.97
CA ASN B 194 -6.15 -4.29 -6.09
C ASN B 194 -5.27 -5.18 -5.23
N ALA B 195 -5.53 -6.48 -5.26
CA ALA B 195 -4.72 -7.41 -4.48
C ALA B 195 -4.40 -8.56 -5.41
N ALA B 196 -3.37 -9.34 -5.09
CA ALA B 196 -3.00 -10.48 -5.92
C ALA B 196 -3.49 -11.75 -5.23
N TRP B 197 -4.13 -12.64 -5.99
CA TRP B 197 -4.66 -13.88 -5.43
C TRP B 197 -4.19 -15.13 -6.15
N LEU B 198 -3.62 -16.08 -5.40
CA LEU B 198 -3.14 -17.33 -5.98
C LEU B 198 -4.01 -18.50 -5.46
N ASP B 199 -4.59 -19.28 -6.38
CA ASP B 199 -5.46 -20.41 -6.02
C ASP B 199 -6.59 -19.91 -5.11
N GLY B 200 -7.08 -18.71 -5.40
CA GLY B 200 -8.17 -18.15 -4.61
C GLY B 200 -7.75 -17.48 -3.30
N GLN B 201 -6.48 -17.60 -2.92
CA GLN B 201 -6.10 -16.99 -1.67
C GLN B 201 -5.27 -15.73 -1.87
N ARG B 202 -5.53 -14.76 -1.00
CA ARG B 202 -4.88 -13.46 -0.98
C ARG B 202 -3.41 -13.62 -0.67
N LEU B 203 -2.57 -12.93 -1.43
CA LEU B 203 -1.13 -13.04 -1.20
C LEU B 203 -0.65 -11.86 -0.36
N PRO B 204 0.34 -12.08 0.52
CA PRO B 204 0.85 -10.98 1.35
C PRO B 204 1.51 -9.90 0.53
N PRO B 205 1.73 -8.72 1.14
CA PRO B 205 2.34 -7.56 0.52
C PRO B 205 3.61 -7.86 -0.22
N GLN B 206 4.29 -8.90 0.16
CA GLN B 206 5.50 -9.14 -0.57
C GLN B 206 5.46 -10.43 -1.42
N GLY B 207 4.25 -10.84 -1.76
CA GLY B 207 4.05 -12.00 -2.62
C GLY B 207 3.99 -13.36 -1.96
N TYR B 208 3.65 -14.38 -2.75
CA TYR B 208 3.54 -15.73 -2.23
C TYR B 208 4.61 -16.07 -1.20
N ALA B 209 4.18 -16.52 -0.03
CA ALA B 209 5.11 -16.91 1.02
C ALA B 209 4.93 -18.37 1.41
#